data_9B9R
#
_entry.id   9B9R
#
_cell.length_a   1.00
_cell.length_b   1.00
_cell.length_c   1.00
_cell.angle_alpha   90.00
_cell.angle_beta   90.00
_cell.angle_gamma   90.00
#
_symmetry.space_group_name_H-M   'P 1'
#
_entity_poly.entity_id   1
_entity_poly.type   'polypeptide(L)'
_entity_poly.pdbx_seq_one_letter_code
;MDWSHPQFEKSAVGLNDIFEAQKIEWHEGGGGSGENLYFQGGGRMDFPGHFEQIFQQLNYQRLHGQLCDCVIVVGNRHFK
AHRSVLAACSTHFRALFSVAEGDQTMNMIQLDSEVVTAEAFAALIDMMYTSTLMLGESNVMDVLLAASHLHLNSVVKACK
HYLTTRTL
;
_entity_poly.pdbx_strand_id   A,B,C,D
#
# COMPACT_ATOMS: atom_id res chain seq x y z
N ASP A 46 2.09 -6.21 -26.63
CA ASP A 46 1.79 -4.79 -26.51
C ASP A 46 0.65 -4.56 -25.52
N PHE A 47 0.60 -3.35 -24.97
CA PHE A 47 -0.39 -2.97 -23.97
C PHE A 47 -0.98 -1.61 -24.33
N PRO A 48 -1.80 -1.53 -25.38
CA PRO A 48 -2.36 -0.23 -25.75
C PRO A 48 -3.26 0.28 -24.63
N GLY A 49 -3.21 1.59 -24.40
CA GLY A 49 -3.99 2.24 -23.38
C GLY A 49 -3.25 2.34 -22.07
N HIS A 50 -2.11 1.66 -21.95
CA HIS A 50 -1.32 1.68 -20.72
C HIS A 50 -0.78 3.08 -20.44
N PHE A 51 -0.20 3.71 -21.46
CA PHE A 51 0.39 5.02 -21.25
C PHE A 51 -0.69 6.06 -21.03
N GLU A 52 -1.85 5.90 -21.67
CA GLU A 52 -2.91 6.87 -21.48
C GLU A 52 -3.42 6.82 -20.05
N GLN A 53 -3.56 5.61 -19.50
CA GLN A 53 -4.00 5.49 -18.11
C GLN A 53 -2.95 6.06 -17.17
N ILE A 54 -1.67 5.85 -17.48
CA ILE A 54 -0.62 6.39 -16.62
C ILE A 54 -0.68 7.90 -16.63
N PHE A 55 -0.81 8.50 -17.81
CA PHE A 55 -0.82 9.95 -17.88
C PHE A 55 -2.09 10.50 -17.24
N GLN A 56 -3.20 9.78 -17.33
CA GLN A 56 -4.42 10.25 -16.68
C GLN A 56 -4.22 10.29 -15.17
N GLN A 57 -3.53 9.28 -14.64
CA GLN A 57 -3.28 9.25 -13.20
C GLN A 57 -2.29 10.34 -12.82
N LEU A 58 -1.32 10.61 -13.68
CA LEU A 58 -0.37 11.67 -13.39
C LEU A 58 -1.07 13.02 -13.42
N ASN A 59 -2.02 13.19 -14.34
CA ASN A 59 -2.73 14.46 -14.41
C ASN A 59 -3.57 14.63 -13.16
N TYR A 60 -4.15 13.53 -12.68
CA TYR A 60 -4.89 13.58 -11.42
C TYR A 60 -3.98 14.07 -10.31
N GLN A 61 -2.79 13.48 -10.22
CA GLN A 61 -1.85 13.88 -9.18
C GLN A 61 -1.48 15.36 -9.33
N ARG A 62 -1.29 15.81 -10.57
CA ARG A 62 -0.92 17.20 -10.80
C ARG A 62 -2.01 18.13 -10.30
N LEU A 63 -3.27 17.79 -10.59
CA LEU A 63 -4.38 18.64 -10.18
C LEU A 63 -4.52 18.65 -8.67
N HIS A 64 -4.25 17.52 -8.02
CA HIS A 64 -4.39 17.44 -6.57
C HIS A 64 -3.06 17.65 -5.85
N GLY A 65 -1.97 17.83 -6.57
CA GLY A 65 -0.69 18.11 -5.95
C GLY A 65 -0.07 16.90 -5.29
N GLN A 66 -0.36 15.70 -5.80
CA GLN A 66 0.12 14.47 -5.20
C GLN A 66 1.46 14.05 -5.81
N LEU A 67 2.41 13.71 -4.95
CA LEU A 67 3.72 13.23 -5.37
C LEU A 67 4.39 14.17 -6.37
N CYS A 68 4.21 15.47 -6.17
CA CYS A 68 4.81 16.47 -7.05
C CYS A 68 6.06 17.00 -6.36
N ASP A 69 7.18 17.02 -7.09
CA ASP A 69 8.45 17.46 -6.54
C ASP A 69 8.91 18.82 -7.05
N CYS A 70 8.04 19.61 -7.67
CA CYS A 70 8.49 20.95 -8.07
C CYS A 70 7.28 21.84 -8.27
N VAL A 71 7.54 23.15 -8.26
CA VAL A 71 6.55 24.16 -8.57
C VAL A 71 7.11 25.13 -9.59
N ILE A 72 6.32 25.44 -10.61
CA ILE A 72 6.67 26.41 -11.64
C ILE A 72 5.81 27.64 -11.35
N VAL A 73 6.43 28.81 -11.31
CA VAL A 73 5.70 30.04 -11.00
C VAL A 73 5.73 30.93 -12.21
N VAL A 74 4.54 31.34 -12.66
CA VAL A 74 4.36 32.22 -13.80
C VAL A 74 3.49 33.36 -13.35
N GLY A 75 4.01 34.59 -13.46
CA GLY A 75 3.21 35.71 -13.00
C GLY A 75 2.96 35.51 -11.53
N ASN A 76 1.69 35.57 -11.15
CA ASN A 76 1.28 35.40 -9.76
C ASN A 76 0.66 34.04 -9.49
N ARG A 77 0.85 33.06 -10.37
CA ARG A 77 0.28 31.72 -10.18
C ARG A 77 1.37 30.66 -10.01
N HIS A 78 1.09 29.71 -9.13
CA HIS A 78 1.96 28.58 -8.82
C HIS A 78 1.35 27.29 -9.36
N PHE A 79 2.07 26.61 -10.25
CA PHE A 79 1.60 25.37 -10.88
C PHE A 79 2.48 24.23 -10.37
N LYS A 80 1.87 23.26 -9.70
CA LYS A 80 2.66 22.12 -9.20
C LYS A 80 2.93 21.17 -10.35
N ALA A 81 4.12 20.56 -10.34
CA ALA A 81 4.50 19.65 -11.40
C ALA A 81 5.54 18.64 -10.90
N HIS A 82 5.70 17.57 -11.68
CA HIS A 82 6.69 16.55 -11.42
C HIS A 82 7.96 16.89 -12.20
N ARG A 83 9.12 16.74 -11.55
CA ARG A 83 10.37 17.05 -12.25
C ARG A 83 10.63 16.07 -13.40
N SER A 84 10.27 14.80 -13.22
CA SER A 84 10.58 13.82 -14.26
C SER A 84 9.79 14.07 -15.53
N VAL A 85 8.56 14.57 -15.41
CA VAL A 85 7.75 14.79 -16.60
C VAL A 85 8.22 16.06 -17.29
N LEU A 86 8.47 17.11 -16.53
CA LEU A 86 8.89 18.36 -17.16
C LEU A 86 10.22 18.13 -17.87
N ALA A 87 11.13 17.41 -17.22
CA ALA A 87 12.42 17.15 -17.84
C ALA A 87 12.28 16.28 -19.07
N ALA A 88 11.40 15.27 -19.03
CA ALA A 88 11.23 14.40 -20.19
C ALA A 88 10.67 15.18 -21.37
N CYS A 89 9.74 16.09 -21.11
CA CYS A 89 9.11 16.83 -22.20
C CYS A 89 10.08 17.75 -22.94
N SER A 90 11.06 18.34 -22.24
CA SER A 90 11.97 19.25 -22.90
C SER A 90 13.34 19.25 -22.25
N THR A 91 14.36 19.52 -23.08
CA THR A 91 15.74 19.59 -22.61
C THR A 91 15.98 20.83 -21.77
N HIS A 92 15.10 21.83 -21.85
CA HIS A 92 15.25 23.03 -21.04
C HIS A 92 15.16 22.67 -19.57
N PHE A 93 14.16 21.88 -19.20
CA PHE A 93 14.01 21.52 -17.81
C PHE A 93 15.06 20.47 -17.44
N ARG A 94 15.45 19.62 -18.39
CA ARG A 94 16.47 18.62 -18.06
C ARG A 94 17.72 19.35 -17.61
N ALA A 95 18.07 20.43 -18.31
CA ALA A 95 19.23 21.22 -17.95
C ALA A 95 19.00 21.93 -16.62
N LEU A 96 17.80 22.49 -16.44
CA LEU A 96 17.53 23.24 -15.21
C LEU A 96 17.57 22.33 -13.99
N PHE A 97 17.16 21.08 -14.14
CA PHE A 97 17.14 20.12 -13.04
C PHE A 97 18.44 19.35 -12.90
N SER A 98 19.45 19.64 -13.71
CA SER A 98 20.72 18.95 -13.65
C SER A 98 21.66 19.64 -12.65
N ASN A 107 13.82 23.69 -6.16
CA ASN A 107 12.46 23.17 -6.01
C ASN A 107 11.47 23.99 -6.82
N MET A 108 11.62 25.30 -6.76
CA MET A 108 10.73 26.23 -7.45
C MET A 108 11.48 26.86 -8.61
N ILE A 109 10.85 26.91 -9.78
CA ILE A 109 11.40 27.55 -10.96
C ILE A 109 10.51 28.72 -11.34
N GLN A 110 11.09 29.90 -11.43
CA GLN A 110 10.36 31.10 -11.82
C GLN A 110 10.61 31.40 -13.29
N LEU A 111 9.53 31.52 -14.06
CA LEU A 111 9.60 31.87 -15.47
C LEU A 111 9.29 33.36 -15.64
N ASP A 112 9.85 33.95 -16.68
CA ASP A 112 9.53 35.35 -16.99
C ASP A 112 8.06 35.46 -17.35
N SER A 113 7.37 36.41 -16.69
CA SER A 113 5.94 36.55 -16.90
C SER A 113 5.61 37.19 -18.24
N GLU A 114 6.54 37.92 -18.85
CA GLU A 114 6.25 38.51 -20.15
C GLU A 114 6.42 37.51 -21.29
N VAL A 115 7.44 36.66 -21.21
CA VAL A 115 7.69 35.71 -22.29
C VAL A 115 6.65 34.60 -22.28
N VAL A 116 6.41 34.01 -21.12
CA VAL A 116 5.43 32.94 -20.94
C VAL A 116 4.29 33.46 -20.06
N THR A 117 3.11 33.62 -20.65
CA THR A 117 1.99 34.11 -19.85
C THR A 117 1.40 32.97 -19.04
N ALA A 118 0.61 33.31 -18.03
CA ALA A 118 0.02 32.26 -17.20
C ALA A 118 -0.96 31.40 -18.00
N GLU A 119 -1.69 31.99 -18.93
CA GLU A 119 -2.66 31.21 -19.69
C GLU A 119 -1.95 30.24 -20.63
N ALA A 120 -0.90 30.72 -21.30
CA ALA A 120 -0.17 29.86 -22.22
C ALA A 120 0.48 28.72 -21.44
N PHE A 121 0.99 29.04 -20.25
CA PHE A 121 1.64 28.00 -19.46
C PHE A 121 0.62 26.96 -19.05
N ALA A 122 -0.54 27.40 -18.55
CA ALA A 122 -1.52 26.42 -18.12
C ALA A 122 -1.94 25.53 -19.28
N ALA A 123 -2.10 26.13 -20.46
CA ALA A 123 -2.50 25.34 -21.63
C ALA A 123 -1.43 24.31 -21.98
N LEU A 124 -0.16 24.71 -21.92
CA LEU A 124 0.90 23.78 -22.30
C LEU A 124 1.09 22.71 -21.23
N ILE A 125 0.97 23.08 -19.96
CA ILE A 125 1.15 22.08 -18.91
C ILE A 125 0.02 21.07 -19.00
N ASP A 126 -1.18 21.51 -19.38
CA ASP A 126 -2.26 20.56 -19.57
C ASP A 126 -1.95 19.64 -20.75
N MET A 127 -1.43 20.22 -21.83
CA MET A 127 -1.08 19.40 -22.99
C MET A 127 -0.09 18.32 -22.59
N MET A 128 0.90 18.70 -21.78
CA MET A 128 1.97 17.78 -21.41
C MET A 128 1.44 16.51 -20.78
N TYR A 129 0.32 16.60 -20.07
CA TYR A 129 -0.27 15.44 -19.41
C TYR A 129 -1.54 14.94 -20.09
N THR A 130 -1.95 15.56 -21.21
CA THR A 130 -3.20 15.20 -21.85
C THR A 130 -3.09 14.98 -23.36
N SER A 131 -2.06 15.51 -24.01
CA SER A 131 -1.89 15.48 -25.46
C SER A 131 -2.86 16.42 -26.19
N THR A 132 -3.61 17.24 -25.46
CA THR A 132 -4.52 18.21 -26.04
C THR A 132 -4.10 19.61 -25.62
N LEU A 133 -3.88 20.49 -26.59
CA LEU A 133 -3.48 21.87 -26.33
C LEU A 133 -4.50 22.85 -26.90
N MET A 134 -5.38 23.37 -26.05
CA MET A 134 -6.38 24.34 -26.45
C MET A 134 -5.93 25.71 -25.98
N LEU A 135 -6.12 26.72 -26.84
CA LEU A 135 -5.65 28.06 -26.49
C LEU A 135 -6.42 28.63 -25.29
N GLY A 136 -7.71 28.34 -25.20
CA GLY A 136 -8.50 28.91 -24.12
C GLY A 136 -8.47 30.42 -24.23
N GLU A 137 -8.11 31.08 -23.12
CA GLU A 137 -8.04 32.53 -23.10
C GLU A 137 -6.83 33.06 -23.85
N SER A 138 -5.83 32.20 -24.10
CA SER A 138 -4.59 32.64 -24.73
C SER A 138 -4.75 32.86 -26.23
N ASN A 139 -3.89 33.72 -26.77
CA ASN A 139 -3.74 33.90 -28.20
C ASN A 139 -2.76 32.86 -28.73
N VAL A 140 -2.86 32.58 -30.02
CA VAL A 140 -1.90 31.66 -30.62
C VAL A 140 -0.48 32.19 -30.50
N MET A 141 -0.31 33.51 -30.50
CA MET A 141 1.04 34.05 -30.36
C MET A 141 1.62 33.73 -28.99
N ASP A 142 0.76 33.55 -27.98
CA ASP A 142 1.28 33.32 -26.65
C ASP A 142 1.65 31.86 -26.49
N VAL A 143 0.87 30.97 -27.11
CA VAL A 143 1.20 29.57 -26.93
C VAL A 143 2.45 29.32 -27.75
N LEU A 144 2.58 30.02 -28.88
CA LEU A 144 3.76 29.88 -29.72
C LEU A 144 5.00 30.25 -28.93
N LEU A 145 4.97 31.43 -28.29
CA LEU A 145 6.18 31.90 -27.62
C LEU A 145 6.49 31.03 -26.42
N ALA A 146 5.45 30.59 -25.69
CA ALA A 146 5.73 29.75 -24.53
C ALA A 146 6.30 28.41 -24.99
N ALA A 147 5.78 27.85 -26.08
CA ALA A 147 6.28 26.59 -26.58
C ALA A 147 7.73 26.73 -27.00
N SER A 148 8.07 27.86 -27.60
CA SER A 148 9.45 28.08 -28.03
C SER A 148 10.36 28.16 -26.82
N HIS A 149 9.96 28.92 -25.79
CA HIS A 149 10.82 29.08 -24.63
C HIS A 149 11.13 27.73 -23.99
N LEU A 150 10.12 26.86 -23.91
CA LEU A 150 10.25 25.56 -23.28
C LEU A 150 10.76 24.48 -24.22
N HIS A 151 11.07 24.83 -25.46
CA HIS A 151 11.54 23.87 -26.47
C HIS A 151 10.60 22.68 -26.64
N LEU A 152 9.30 22.97 -26.67
CA LEU A 152 8.29 21.94 -26.95
C LEU A 152 8.12 21.92 -28.46
N ASN A 153 9.12 21.33 -29.12
CA ASN A 153 9.26 21.48 -30.57
C ASN A 153 8.03 21.02 -31.34
N SER A 154 7.32 20.00 -30.86
CA SER A 154 6.14 19.58 -31.62
C SER A 154 5.07 20.66 -31.58
N VAL A 155 5.03 21.43 -30.50
CA VAL A 155 4.03 22.48 -30.41
C VAL A 155 4.46 23.61 -31.30
N VAL A 156 5.75 23.93 -31.30
CA VAL A 156 6.24 25.04 -32.09
C VAL A 156 5.93 24.76 -33.55
N LYS A 157 6.18 23.51 -33.98
CA LYS A 157 5.91 23.14 -35.36
C LYS A 157 4.43 23.28 -35.69
N ALA A 158 3.55 22.81 -34.79
CA ALA A 158 2.13 22.92 -35.08
C ALA A 158 1.71 24.39 -35.16
N CYS A 159 2.28 25.22 -34.28
CA CYS A 159 1.89 26.62 -34.27
C CYS A 159 2.34 27.26 -35.57
N LYS A 160 3.57 26.98 -36.01
CA LYS A 160 4.05 27.57 -37.23
C LYS A 160 3.13 27.16 -38.37
N HIS A 161 2.72 25.88 -38.35
CA HIS A 161 1.83 25.35 -39.37
C HIS A 161 0.57 26.19 -39.46
N TYR A 162 0.01 26.58 -38.32
CA TYR A 162 -1.25 27.31 -38.27
C TYR A 162 -1.12 28.82 -38.04
N LEU A 163 0.07 29.41 -38.17
CA LEU A 163 0.17 30.84 -37.89
C LEU A 163 -0.63 31.69 -38.87
N THR A 164 -0.75 31.24 -40.11
CA THR A 164 -1.48 32.01 -41.11
C THR A 164 -2.95 32.13 -40.73
N ASP B 46 -2.92 16.44 -30.93
CA ASP B 46 -2.56 15.05 -31.20
C ASP B 46 -1.12 14.95 -31.65
N PHE B 47 -0.27 14.40 -30.78
CA PHE B 47 1.17 14.29 -31.02
C PHE B 47 1.58 12.83 -30.87
N PRO B 48 1.28 11.98 -31.86
CA PRO B 48 1.62 10.55 -31.71
C PRO B 48 3.12 10.36 -31.59
N GLY B 49 3.49 9.45 -30.70
CA GLY B 49 4.89 9.12 -30.44
C GLY B 49 5.51 9.92 -29.32
N HIS B 50 4.84 10.98 -28.86
CA HIS B 50 5.37 11.82 -27.79
C HIS B 50 5.68 10.98 -26.56
N PHE B 51 4.76 10.06 -26.23
CA PHE B 51 4.95 9.25 -25.03
C PHE B 51 6.11 8.29 -25.24
N GLU B 52 6.38 7.90 -26.49
CA GLU B 52 7.47 6.97 -26.72
C GLU B 52 8.80 7.66 -26.43
N GLN B 53 8.93 8.92 -26.87
CA GLN B 53 10.18 9.63 -26.64
C GLN B 53 10.35 9.90 -25.16
N ILE B 54 9.24 10.19 -24.47
CA ILE B 54 9.34 10.44 -23.03
C ILE B 54 9.81 9.20 -22.31
N PHE B 55 9.22 8.05 -22.66
CA PHE B 55 9.64 6.83 -21.99
C PHE B 55 11.06 6.45 -22.34
N GLN B 56 11.50 6.70 -23.58
CA GLN B 56 12.88 6.39 -23.95
C GLN B 56 13.84 7.22 -23.09
N GLN B 57 13.50 8.50 -22.87
CA GLN B 57 14.39 9.32 -22.07
C GLN B 57 14.34 8.88 -20.61
N LEU B 58 13.17 8.48 -20.13
CA LEU B 58 13.09 8.04 -18.74
C LEU B 58 13.90 6.77 -18.57
N ASN B 59 13.88 5.89 -19.57
CA ASN B 59 14.64 4.66 -19.47
C ASN B 59 16.13 4.97 -19.46
N TYR B 60 16.55 5.94 -20.28
CA TYR B 60 17.95 6.34 -20.27
C TYR B 60 18.33 6.80 -18.87
N GLN B 61 17.48 7.65 -18.28
CA GLN B 61 17.78 8.19 -16.96
C GLN B 61 17.89 7.05 -15.96
N ARG B 62 17.00 6.06 -16.07
CA ARG B 62 17.03 4.94 -15.15
C ARG B 62 18.33 4.17 -15.29
N LEU B 63 18.74 3.92 -16.54
CA LEU B 63 19.94 3.13 -16.77
C LEU B 63 21.17 3.84 -16.23
N HIS B 64 21.19 5.17 -16.32
CA HIS B 64 22.33 5.95 -15.84
C HIS B 64 22.14 6.49 -14.43
N GLY B 65 21.02 6.16 -13.78
CA GLY B 65 20.78 6.64 -12.44
C GLY B 65 20.49 8.13 -12.36
N GLN B 66 19.95 8.71 -13.43
CA GLN B 66 19.72 10.15 -13.47
C GLN B 66 18.34 10.50 -12.96
N LEU B 67 18.28 11.50 -12.07
CA LEU B 67 17.03 11.99 -11.50
C LEU B 67 16.21 10.88 -10.84
N CYS B 68 16.86 9.86 -10.29
CA CYS B 68 16.14 8.76 -9.68
C CYS B 68 15.94 9.06 -8.20
N ASP B 69 14.69 9.01 -7.74
CA ASP B 69 14.36 9.33 -6.36
C ASP B 69 14.04 8.11 -5.51
N CYS B 70 14.35 6.89 -5.97
CA CYS B 70 14.14 5.74 -5.10
C CYS B 70 14.97 4.57 -5.61
N VAL B 71 15.18 3.61 -4.71
CA VAL B 71 15.82 2.34 -5.05
C VAL B 71 15.02 1.19 -4.46
N ILE B 72 14.83 0.15 -5.27
CA ILE B 72 14.14 -1.08 -4.88
C ILE B 72 15.22 -2.14 -4.73
N VAL B 73 15.21 -2.85 -3.61
CA VAL B 73 16.23 -3.87 -3.35
C VAL B 73 15.58 -5.24 -3.35
N VAL B 74 16.10 -6.13 -4.19
CA VAL B 74 15.62 -7.50 -4.32
C VAL B 74 16.83 -8.39 -4.11
N GLY B 75 16.82 -9.19 -3.05
CA GLY B 75 18.01 -9.98 -2.78
C GLY B 75 19.11 -8.97 -2.49
N ASN B 76 20.22 -9.11 -3.22
CA ASN B 76 21.34 -8.19 -3.07
C ASN B 76 21.50 -7.29 -4.27
N ARG B 77 20.46 -7.16 -5.11
CA ARG B 77 20.51 -6.32 -6.30
C ARG B 77 19.65 -5.08 -6.11
N HIS B 78 20.20 -3.93 -6.47
CA HIS B 78 19.55 -2.64 -6.31
C HIS B 78 19.10 -2.09 -7.66
N PHE B 79 17.83 -1.74 -7.78
CA PHE B 79 17.22 -1.21 -8.99
C PHE B 79 16.81 0.23 -8.75
N LYS B 80 17.42 1.17 -9.47
CA LYS B 80 17.06 2.57 -9.30
C LYS B 80 15.77 2.85 -10.05
N ALA B 81 14.94 3.73 -9.50
CA ALA B 81 13.65 4.02 -10.13
C ALA B 81 13.15 5.39 -9.71
N HIS B 82 12.19 5.88 -10.49
CA HIS B 82 11.48 7.12 -10.20
C HIS B 82 10.22 6.80 -9.41
N ARG B 83 9.99 7.56 -8.33
CA ARG B 83 8.83 7.33 -7.47
C ARG B 83 7.53 7.48 -8.25
N SER B 84 7.45 8.48 -9.14
CA SER B 84 6.20 8.73 -9.84
C SER B 84 5.90 7.65 -10.87
N VAL B 85 6.94 7.04 -11.45
CA VAL B 85 6.68 6.01 -12.44
C VAL B 85 6.19 4.75 -11.75
N LEU B 86 6.84 4.38 -10.65
CA LEU B 86 6.43 3.17 -9.94
C LEU B 86 5.02 3.35 -9.39
N ALA B 87 4.72 4.55 -8.86
CA ALA B 87 3.37 4.78 -8.34
C ALA B 87 2.33 4.78 -9.44
N ALA B 88 2.68 5.26 -10.64
CA ALA B 88 1.72 5.26 -11.74
C ALA B 88 1.49 3.84 -12.27
N CYS B 89 2.55 3.04 -12.30
CA CYS B 89 2.47 1.69 -12.83
C CYS B 89 1.61 0.79 -11.97
N SER B 90 1.62 0.97 -10.65
CA SER B 90 0.87 0.08 -9.79
C SER B 90 0.32 0.76 -8.55
N THR B 91 -0.89 0.31 -8.17
CA THR B 91 -1.55 0.80 -6.97
C THR B 91 -0.71 0.56 -5.73
N HIS B 92 -0.04 -0.59 -5.66
CA HIS B 92 0.74 -0.92 -4.46
C HIS B 92 1.85 0.09 -4.24
N PHE B 93 2.63 0.39 -5.27
CA PHE B 93 3.70 1.35 -5.08
C PHE B 93 3.13 2.72 -4.75
N ARG B 94 2.04 3.09 -5.41
CA ARG B 94 1.42 4.38 -5.13
C ARG B 94 1.08 4.51 -3.65
N ALA B 95 0.43 3.47 -3.11
CA ALA B 95 0.05 3.47 -1.70
C ALA B 95 1.28 3.48 -0.78
N LEU B 96 2.32 2.74 -1.15
CA LEU B 96 3.51 2.65 -0.30
C LEU B 96 4.26 3.97 -0.26
N PHE B 97 4.39 4.64 -1.41
CA PHE B 97 5.10 5.91 -1.43
C PHE B 97 4.30 7.00 -0.71
N SER B 98 2.98 6.99 -0.86
CA SER B 98 2.12 7.96 -0.21
C SER B 98 2.02 7.68 1.29
N ASN B 107 13.16 6.15 0.89
CA ASN B 107 13.87 6.14 -0.39
C ASN B 107 14.10 4.72 -0.87
N MET B 108 14.54 3.85 0.04
CA MET B 108 14.84 2.46 -0.27
C MET B 108 13.65 1.59 0.14
N ILE B 109 13.18 0.76 -0.79
CA ILE B 109 12.10 -0.19 -0.53
C ILE B 109 12.69 -1.59 -0.61
N GLN B 110 12.47 -2.37 0.45
CA GLN B 110 12.95 -3.74 0.53
C GLN B 110 11.82 -4.70 0.18
N LEU B 111 12.01 -5.48 -0.87
CA LEU B 111 11.06 -6.48 -1.32
C LEU B 111 11.51 -7.86 -0.84
N ASP B 112 10.56 -8.78 -0.75
CA ASP B 112 10.87 -10.15 -0.40
C ASP B 112 11.49 -10.84 -1.60
N SER B 113 12.75 -11.27 -1.46
CA SER B 113 13.49 -11.84 -2.58
C SER B 113 12.98 -13.20 -2.99
N GLU B 114 12.20 -13.88 -2.13
CA GLU B 114 11.68 -15.18 -2.49
C GLU B 114 10.46 -15.06 -3.38
N VAL B 115 9.57 -14.11 -3.07
CA VAL B 115 8.35 -13.97 -3.86
C VAL B 115 8.64 -13.29 -5.18
N VAL B 116 9.39 -12.20 -5.15
CA VAL B 116 9.79 -11.46 -6.35
C VAL B 116 11.29 -11.64 -6.56
N THR B 117 11.66 -12.40 -7.58
CA THR B 117 13.07 -12.64 -7.81
C THR B 117 13.69 -11.44 -8.52
N ALA B 118 15.02 -11.36 -8.50
CA ALA B 118 15.69 -10.22 -9.12
C ALA B 118 15.45 -10.18 -10.62
N GLU B 119 15.39 -11.35 -11.27
CA GLU B 119 15.22 -11.37 -12.71
C GLU B 119 13.80 -10.95 -13.09
N ALA B 120 12.80 -11.44 -12.35
CA ALA B 120 11.43 -11.04 -12.64
C ALA B 120 11.26 -9.55 -12.44
N PHE B 121 11.88 -9.01 -11.40
CA PHE B 121 11.75 -7.58 -11.15
C PHE B 121 12.40 -6.80 -12.28
N ALA B 122 13.61 -7.19 -12.67
CA ALA B 122 14.30 -6.45 -13.72
C ALA B 122 13.46 -6.46 -15.00
N ALA B 123 12.85 -7.61 -15.31
CA ALA B 123 12.01 -7.70 -16.50
C ALA B 123 10.79 -6.80 -16.38
N LEU B 124 10.17 -6.77 -15.19
CA LEU B 124 8.97 -5.96 -15.04
C LEU B 124 9.29 -4.48 -15.09
N ILE B 125 10.42 -4.06 -14.53
CA ILE B 125 10.75 -2.64 -14.60
C ILE B 125 11.11 -2.26 -16.03
N ASP B 126 11.79 -3.16 -16.75
CA ASP B 126 12.08 -2.87 -18.14
C ASP B 126 10.78 -2.70 -18.90
N MET B 127 9.78 -3.54 -18.61
CA MET B 127 8.49 -3.39 -19.27
C MET B 127 7.85 -2.06 -18.92
N MET B 128 7.89 -1.69 -17.63
CA MET B 128 7.27 -0.45 -17.19
C MET B 128 7.85 0.75 -17.92
N TYR B 129 9.15 0.75 -18.16
CA TYR B 129 9.77 1.88 -18.86
C TYR B 129 9.81 1.76 -20.38
N THR B 130 9.67 0.55 -20.94
CA THR B 130 9.77 0.37 -22.38
C THR B 130 8.50 -0.14 -23.04
N SER B 131 7.54 -0.67 -22.27
CA SER B 131 6.30 -1.27 -22.74
C SER B 131 6.47 -2.71 -23.21
N THR B 132 7.69 -3.23 -23.33
CA THR B 132 7.92 -4.59 -23.79
C THR B 132 8.52 -5.41 -22.66
N LEU B 133 7.92 -6.56 -22.38
CA LEU B 133 8.36 -7.47 -21.33
C LEU B 133 9.04 -8.70 -21.93
N MET B 134 10.36 -8.67 -22.03
CA MET B 134 11.12 -9.82 -22.51
C MET B 134 11.73 -10.53 -21.32
N LEU B 135 11.79 -11.85 -21.38
CA LEU B 135 12.35 -12.65 -20.30
C LEU B 135 13.78 -13.10 -20.59
N GLY B 136 14.46 -13.48 -19.53
CA GLY B 136 15.81 -13.99 -19.56
C GLY B 136 16.23 -14.29 -18.15
N GLU B 137 16.79 -15.48 -17.90
CA GLU B 137 17.10 -15.91 -16.54
C GLU B 137 15.83 -15.93 -15.69
N SER B 138 14.70 -16.11 -16.36
CA SER B 138 13.38 -16.08 -15.72
C SER B 138 12.42 -16.83 -16.62
N ASN B 139 11.22 -17.11 -16.08
CA ASN B 139 10.20 -17.82 -16.82
C ASN B 139 8.84 -17.21 -16.51
N VAL B 140 7.79 -17.85 -17.06
CA VAL B 140 6.45 -17.30 -16.93
C VAL B 140 5.98 -17.32 -15.48
N MET B 141 6.23 -18.42 -14.75
CA MET B 141 5.70 -18.51 -13.40
C MET B 141 6.25 -17.42 -12.50
N ASP B 142 7.53 -17.04 -12.68
CA ASP B 142 8.08 -16.02 -11.81
C ASP B 142 7.66 -14.62 -12.26
N VAL B 143 7.49 -14.40 -13.56
CA VAL B 143 7.10 -13.08 -14.00
C VAL B 143 5.65 -12.84 -13.61
N LEU B 144 4.83 -13.90 -13.66
CA LEU B 144 3.43 -13.79 -13.26
C LEU B 144 3.33 -13.53 -11.77
N LEU B 145 4.10 -14.28 -10.96
CA LEU B 145 3.99 -14.10 -9.53
C LEU B 145 4.45 -12.70 -9.13
N ALA B 146 5.54 -12.22 -9.75
CA ALA B 146 6.01 -10.88 -9.42
C ALA B 146 5.01 -9.83 -9.88
N ALA B 147 4.41 -10.02 -11.06
CA ALA B 147 3.42 -9.04 -11.51
C ALA B 147 2.23 -8.99 -10.57
N SER B 148 1.83 -10.15 -10.04
CA SER B 148 0.72 -10.18 -9.10
C SER B 148 1.09 -9.44 -7.83
N HIS B 149 2.30 -9.70 -7.32
CA HIS B 149 2.75 -9.07 -6.09
C HIS B 149 2.73 -7.55 -6.23
N LEU B 150 3.16 -7.05 -7.39
CA LEU B 150 3.26 -5.63 -7.65
C LEU B 150 1.98 -5.02 -8.22
N HIS B 151 0.92 -5.81 -8.36
CA HIS B 151 -0.35 -5.33 -8.92
C HIS B 151 -0.19 -4.79 -10.35
N LEU B 152 0.63 -5.45 -11.17
CA LEU B 152 0.78 -5.07 -12.57
C LEU B 152 -0.28 -5.85 -13.34
N ASN B 153 -1.52 -5.38 -13.22
CA ASN B 153 -2.68 -6.16 -13.67
C ASN B 153 -2.62 -6.50 -15.16
N SER B 154 -2.07 -5.62 -16.00
CA SER B 154 -2.03 -5.96 -17.41
C SER B 154 -1.05 -7.09 -17.66
N VAL B 155 -0.01 -7.18 -16.82
CA VAL B 155 0.96 -8.25 -16.98
C VAL B 155 0.33 -9.53 -16.49
N VAL B 156 -0.40 -9.45 -15.38
CA VAL B 156 -1.03 -10.63 -14.81
C VAL B 156 -2.01 -11.22 -15.82
N LYS B 157 -2.79 -10.35 -16.46
CA LYS B 157 -3.75 -10.83 -17.45
C LYS B 157 -3.05 -11.47 -18.64
N ALA B 158 -1.98 -10.84 -19.14
CA ALA B 158 -1.28 -11.41 -20.30
C ALA B 158 -0.66 -12.75 -19.94
N CYS B 159 -0.11 -12.84 -18.74
CA CYS B 159 0.55 -14.08 -18.33
C CYS B 159 -0.48 -15.18 -18.13
N LYS B 160 -1.61 -14.87 -17.50
CA LYS B 160 -2.61 -15.91 -17.33
C LYS B 160 -3.09 -16.38 -18.69
N HIS B 161 -3.24 -15.43 -19.62
CA HIS B 161 -3.71 -15.77 -20.96
C HIS B 161 -2.79 -16.79 -21.62
N TYR B 162 -1.49 -16.51 -21.64
CA TYR B 162 -0.56 -17.42 -22.30
C TYR B 162 -0.25 -18.68 -21.50
N LEU B 163 -0.30 -18.61 -20.16
CA LEU B 163 -0.01 -19.79 -19.35
C LEU B 163 -1.10 -20.84 -19.49
N THR B 164 -2.36 -20.43 -19.54
CA THR B 164 -3.46 -21.37 -19.65
C THR B 164 -3.46 -22.04 -21.02
N ASP C 46 3.76 -19.01 29.89
CA ASP C 46 3.06 -18.93 28.62
C ASP C 46 1.66 -19.54 28.74
N PHE C 47 0.78 -19.14 27.82
CA PHE C 47 -0.62 -19.56 27.84
C PHE C 47 -0.99 -20.21 26.51
N PRO C 48 -0.58 -21.46 26.27
CA PRO C 48 -0.97 -22.12 25.03
C PRO C 48 -2.50 -22.16 24.91
N GLY C 49 -2.99 -21.94 23.71
CA GLY C 49 -4.43 -21.95 23.45
C GLY C 49 -5.05 -20.57 23.52
N HIS C 50 -4.31 -19.60 24.05
CA HIS C 50 -4.81 -18.23 24.20
C HIS C 50 -5.12 -17.62 22.83
N PHE C 51 -4.19 -17.75 21.89
CA PHE C 51 -4.40 -17.13 20.59
C PHE C 51 -5.53 -17.82 19.84
N GLU C 52 -5.67 -19.13 20.01
CA GLU C 52 -6.74 -19.83 19.30
C GLU C 52 -8.10 -19.35 19.79
N GLN C 53 -8.23 -19.15 21.10
CA GLN C 53 -9.50 -18.65 21.63
C GLN C 53 -9.75 -17.23 21.14
N ILE C 54 -8.70 -16.42 21.06
CA ILE C 54 -8.89 -15.05 20.59
C ILE C 54 -9.38 -15.07 19.16
N PHE C 55 -8.75 -15.89 18.32
CA PHE C 55 -9.15 -15.94 16.92
C PHE C 55 -10.55 -16.52 16.78
N GLN C 56 -10.92 -17.48 17.62
CA GLN C 56 -12.28 -18.02 17.53
C GLN C 56 -13.29 -16.91 17.82
N GLN C 57 -12.97 -16.07 18.81
CA GLN C 57 -13.90 -14.98 19.11
C GLN C 57 -13.91 -13.97 17.98
N LEU C 58 -12.75 -13.73 17.37
CA LEU C 58 -12.70 -12.79 16.26
C LEU C 58 -13.50 -13.32 15.08
N ASN C 59 -13.48 -14.65 14.87
CA ASN C 59 -14.25 -15.21 13.78
C ASN C 59 -15.73 -15.05 14.05
N TYR C 60 -16.14 -15.21 15.31
CA TYR C 60 -17.53 -14.98 15.64
C TYR C 60 -17.90 -13.53 15.30
N GLN C 61 -17.04 -12.60 15.74
CA GLN C 61 -17.33 -11.19 15.51
C GLN C 61 -17.45 -10.90 14.03
N ARG C 62 -16.56 -11.49 13.23
CA ARG C 62 -16.59 -11.25 11.80
C ARG C 62 -17.88 -11.79 11.21
N LEU C 63 -18.29 -12.99 11.63
CA LEU C 63 -19.47 -13.60 11.06
C LEU C 63 -20.72 -12.79 11.40
N HIS C 64 -20.75 -12.19 12.59
CA HIS C 64 -21.91 -11.42 13.02
C HIS C 64 -21.72 -9.91 12.83
N GLY C 65 -20.62 -9.50 12.22
CA GLY C 65 -20.37 -8.09 12.00
C GLY C 65 -20.05 -7.30 13.25
N GLN C 66 -19.63 -7.98 14.32
CA GLN C 66 -19.43 -7.33 15.60
C GLN C 66 -18.06 -6.65 15.67
N LEU C 67 -18.06 -5.37 16.05
CA LEU C 67 -16.83 -4.58 16.17
C LEU C 67 -16.03 -4.52 14.87
N CYS C 68 -16.66 -4.74 13.71
CA CYS C 68 -15.94 -4.70 12.44
C CYS C 68 -15.93 -3.27 11.95
N ASP C 69 -14.73 -2.73 11.72
CA ASP C 69 -14.58 -1.34 11.31
C ASP C 69 -14.32 -1.16 9.82
N CYS C 70 -14.33 -2.22 9.01
CA CYS C 70 -14.14 -1.99 7.58
C CYS C 70 -14.88 -3.04 6.78
N VAL C 71 -15.11 -2.71 5.51
CA VAL C 71 -15.77 -3.60 4.56
C VAL C 71 -14.96 -3.67 3.27
N ILE C 72 -14.77 -4.88 2.76
CA ILE C 72 -14.05 -5.13 1.52
C ILE C 72 -15.09 -5.58 0.51
N VAL C 73 -15.07 -5.00 -0.68
CA VAL C 73 -16.03 -5.36 -1.71
C VAL C 73 -15.32 -6.00 -2.89
N VAL C 74 -15.76 -7.21 -3.24
CA VAL C 74 -15.22 -7.97 -4.37
C VAL C 74 -16.42 -8.35 -5.22
N GLY C 75 -16.44 -7.86 -6.47
CA GLY C 75 -17.59 -8.18 -7.29
C GLY C 75 -18.80 -7.58 -6.60
N ASN C 76 -19.81 -8.42 -6.38
CA ASN C 76 -21.04 -8.01 -5.73
C ASN C 76 -21.14 -8.53 -4.29
N ARG C 77 -20.02 -8.95 -3.71
CA ARG C 77 -19.98 -9.44 -2.34
C ARG C 77 -19.26 -8.49 -1.40
N HIS C 78 -19.84 -8.28 -0.23
CA HIS C 78 -19.25 -7.45 0.82
C HIS C 78 -18.78 -8.32 1.97
N PHE C 79 -17.53 -8.16 2.38
CA PHE C 79 -16.93 -8.92 3.47
C PHE C 79 -16.59 -7.99 4.63
N LYS C 80 -17.02 -8.33 5.83
CA LYS C 80 -16.70 -7.53 7.00
C LYS C 80 -15.30 -7.87 7.47
N ALA C 81 -14.58 -6.87 7.97
CA ALA C 81 -13.25 -7.13 8.51
C ALA C 81 -12.87 -6.12 9.56
N HIS C 82 -11.91 -6.52 10.40
CA HIS C 82 -11.30 -5.67 11.42
C HIS C 82 -9.99 -5.13 10.84
N ARG C 83 -9.81 -3.81 10.89
CA ARG C 83 -8.60 -3.23 10.32
C ARG C 83 -7.34 -3.76 10.99
N SER C 84 -7.38 -4.01 12.30
CA SER C 84 -6.15 -4.43 12.97
C SER C 84 -5.66 -5.79 12.50
N VAL C 85 -6.58 -6.69 12.15
CA VAL C 85 -6.16 -8.02 11.74
C VAL C 85 -5.83 -8.03 10.26
N LEU C 86 -6.68 -7.37 9.47
CA LEU C 86 -6.48 -7.34 8.04
C LEU C 86 -5.11 -6.72 7.75
N ALA C 87 -4.85 -5.55 8.37
CA ALA C 87 -3.56 -4.89 8.17
C ALA C 87 -2.42 -5.71 8.76
N ALA C 88 -2.61 -6.34 9.93
CA ALA C 88 -1.51 -7.13 10.48
C ALA C 88 -1.12 -8.27 9.57
N CYS C 89 -2.09 -8.87 8.88
CA CYS C 89 -1.79 -10.03 8.03
C CYS C 89 -1.30 -9.62 6.65
N SER C 90 -1.87 -8.57 6.07
CA SER C 90 -1.56 -8.15 4.71
C SER C 90 -0.83 -6.81 4.70
N THR C 91 0.41 -6.82 4.19
CA THR C 91 1.18 -5.59 4.12
C THR C 91 0.48 -4.56 3.27
N HIS C 92 -0.12 -5.00 2.15
CA HIS C 92 -0.80 -4.08 1.25
C HIS C 92 -1.95 -3.37 1.97
N PHE C 93 -2.78 -4.13 2.69
CA PHE C 93 -3.89 -3.50 3.39
C PHE C 93 -3.35 -2.55 4.45
N ARG C 94 -2.27 -2.94 5.14
CA ARG C 94 -1.71 -2.06 6.17
C ARG C 94 -1.29 -0.74 5.56
N ALA C 95 -0.66 -0.79 4.38
CA ALA C 95 -0.27 0.43 3.68
C ALA C 95 -1.49 1.24 3.29
N LEU C 96 -2.56 0.57 2.88
CA LEU C 96 -3.76 1.30 2.47
C LEU C 96 -4.41 2.01 3.66
N PHE C 97 -4.42 1.37 4.83
CA PHE C 97 -5.06 1.98 5.99
C PHE C 97 -4.21 3.12 6.55
N SER C 98 -2.89 2.97 6.52
CA SER C 98 -1.99 4.01 7.02
C SER C 98 -1.93 5.18 6.04
N ASN C 107 -13.99 3.71 4.50
CA ASN C 107 -14.23 2.48 5.25
C ASN C 107 -14.38 1.30 4.30
N MET C 108 -14.75 1.57 3.06
CA MET C 108 -14.96 0.53 2.06
C MET C 108 -13.76 0.47 1.13
N ILE C 109 -13.21 -0.72 0.94
CA ILE C 109 -12.09 -0.94 0.05
C ILE C 109 -12.53 -1.84 -1.10
N GLN C 110 -12.30 -1.38 -2.33
CA GLN C 110 -12.62 -2.15 -3.51
C GLN C 110 -11.39 -2.91 -3.99
N LEU C 111 -11.60 -4.18 -4.32
CA LEU C 111 -10.57 -5.03 -4.91
C LEU C 111 -10.94 -5.32 -6.36
N ASP C 112 -9.93 -5.55 -7.18
CA ASP C 112 -10.18 -5.94 -8.56
C ASP C 112 -10.91 -7.27 -8.59
N SER C 113 -12.06 -7.31 -9.27
CA SER C 113 -12.89 -8.50 -9.29
C SER C 113 -12.33 -9.61 -10.17
N GLU C 114 -11.36 -9.31 -11.03
CA GLU C 114 -10.81 -10.32 -11.92
C GLU C 114 -9.54 -10.96 -11.38
N VAL C 115 -8.73 -10.22 -10.63
CA VAL C 115 -7.52 -10.79 -10.04
C VAL C 115 -7.86 -11.63 -8.82
N VAL C 116 -8.68 -11.07 -7.92
CA VAL C 116 -9.13 -11.74 -6.71
C VAL C 116 -10.61 -12.05 -6.83
N THR C 117 -10.95 -13.32 -6.86
CA THR C 117 -12.35 -13.68 -7.00
C THR C 117 -13.01 -13.67 -5.63
N ALA C 118 -14.35 -13.61 -5.61
CA ALA C 118 -15.04 -13.57 -4.33
C ALA C 118 -14.82 -14.86 -3.53
N GLU C 119 -14.77 -15.99 -4.22
CA GLU C 119 -14.62 -17.26 -3.51
C GLU C 119 -13.21 -17.40 -2.95
N ALA C 120 -12.21 -17.05 -3.76
CA ALA C 120 -10.83 -17.11 -3.28
C ALA C 120 -10.65 -16.14 -2.13
N PHE C 121 -11.28 -14.97 -2.22
CA PHE C 121 -11.13 -13.98 -1.17
C PHE C 121 -11.72 -14.52 0.12
N ALA C 122 -12.94 -15.07 0.05
CA ALA C 122 -13.57 -15.59 1.25
C ALA C 122 -12.72 -16.67 1.88
N ALA C 123 -12.14 -17.54 1.04
CA ALA C 123 -11.28 -18.60 1.56
C ALA C 123 -10.05 -18.02 2.24
N LEU C 124 -9.47 -16.98 1.65
CA LEU C 124 -8.28 -16.39 2.24
C LEU C 124 -8.61 -15.72 3.56
N ILE C 125 -9.76 -15.07 3.65
CA ILE C 125 -10.14 -14.43 4.90
C ILE C 125 -10.35 -15.50 5.97
N ASP C 126 -11.01 -16.59 5.61
CA ASP C 126 -11.20 -17.65 6.60
C ASP C 126 -9.84 -18.15 7.07
N MET C 127 -8.90 -18.33 6.15
CA MET C 127 -7.56 -18.76 6.55
C MET C 127 -6.94 -17.73 7.48
N MET C 128 -7.14 -16.46 7.14
CA MET C 128 -6.57 -15.34 7.89
C MET C 128 -6.98 -15.39 9.35
N TYR C 129 -8.22 -15.79 9.61
CA TYR C 129 -8.70 -15.81 11.00
C TYR C 129 -8.70 -17.20 11.63
N THR C 130 -8.56 -18.28 10.87
CA THR C 130 -8.62 -19.62 11.44
C THR C 130 -7.36 -20.44 11.30
N SER C 131 -6.43 -20.05 10.42
CA SER C 131 -5.23 -20.83 10.08
C SER C 131 -5.54 -22.04 9.22
N THR C 132 -6.79 -22.23 8.79
CA THR C 132 -7.19 -23.32 7.92
C THR C 132 -7.68 -22.75 6.60
N LEU C 133 -7.08 -23.20 5.50
CA LEU C 133 -7.45 -22.76 4.16
C LEU C 133 -8.04 -23.92 3.36
N MET C 134 -9.32 -23.81 3.04
CA MET C 134 -10.02 -24.79 2.22
C MET C 134 -10.76 -24.00 1.14
N LEU C 135 -10.93 -24.61 -0.02
CA LEU C 135 -11.51 -23.94 -1.17
C LEU C 135 -12.96 -24.39 -1.34
N GLY C 136 -13.43 -24.65 -2.56
CA GLY C 136 -14.81 -24.94 -2.89
C GLY C 136 -15.31 -23.71 -3.62
N GLU C 137 -15.78 -23.87 -4.86
CA GLU C 137 -16.17 -22.74 -5.70
C GLU C 137 -14.96 -21.87 -6.04
N SER C 138 -13.75 -22.35 -5.72
CA SER C 138 -12.49 -21.66 -5.95
C SER C 138 -11.42 -22.72 -6.15
N ASN C 139 -10.50 -22.48 -7.09
CA ASN C 139 -9.42 -23.42 -7.34
C ASN C 139 -8.10 -22.89 -6.80
N VAL C 140 -7.04 -23.68 -7.02
CA VAL C 140 -5.71 -23.34 -6.53
C VAL C 140 -5.16 -22.08 -7.18
N MET C 141 -5.33 -21.94 -8.49
CA MET C 141 -4.72 -20.79 -9.16
C MET C 141 -5.31 -19.48 -8.67
N ASP C 142 -6.62 -19.46 -8.37
CA ASP C 142 -7.21 -18.22 -7.90
C ASP C 142 -6.77 -17.89 -6.49
N VAL C 143 -6.63 -18.91 -5.63
CA VAL C 143 -6.21 -18.62 -4.26
C VAL C 143 -4.76 -18.19 -4.26
N LEU C 144 -3.95 -18.79 -5.13
CA LEU C 144 -2.54 -18.43 -5.21
C LEU C 144 -2.39 -16.97 -5.65
N LEU C 145 -3.11 -16.59 -6.71
CA LEU C 145 -2.94 -15.23 -7.20
C LEU C 145 -3.51 -14.22 -6.21
N ALA C 146 -4.62 -14.58 -5.55
CA ALA C 146 -5.18 -13.67 -4.56
C ALA C 146 -4.24 -13.50 -3.38
N ALA C 147 -3.60 -14.58 -2.95
CA ALA C 147 -2.66 -14.48 -1.84
C ALA C 147 -1.48 -13.62 -2.22
N SER C 148 -1.01 -13.74 -3.47
CA SER C 148 0.10 -12.91 -3.91
C SER C 148 -0.30 -11.45 -3.91
N HIS C 149 -1.51 -11.18 -4.42
CA HIS C 149 -2.00 -9.82 -4.52
C HIS C 149 -2.05 -9.13 -3.16
N LEU C 150 -2.46 -9.87 -2.12
CA LEU C 150 -2.58 -9.32 -0.78
C LEU C 150 -1.35 -9.56 0.10
N HIS C 151 -0.25 -10.06 -0.46
CA HIS C 151 0.98 -10.27 0.29
C HIS C 151 0.80 -11.21 1.49
N LEU C 152 0.00 -12.27 1.31
CA LEU C 152 -0.16 -13.28 2.36
C LEU C 152 0.93 -14.31 2.13
N ASN C 153 2.15 -13.95 2.55
CA ASN C 153 3.33 -14.72 2.17
C ASN C 153 3.26 -16.17 2.62
N SER C 154 2.63 -16.47 3.76
CA SER C 154 2.55 -17.86 4.16
C SER C 154 1.69 -18.64 3.18
N VAL C 155 0.63 -18.00 2.70
CA VAL C 155 -0.26 -18.69 1.77
C VAL C 155 0.44 -18.83 0.43
N VAL C 156 1.13 -17.78 0.00
CA VAL C 156 1.80 -17.84 -1.29
C VAL C 156 2.83 -18.95 -1.29
N LYS C 157 3.62 -19.04 -0.22
CA LYS C 157 4.65 -20.07 -0.16
C LYS C 157 4.03 -21.46 -0.15
N ALA C 158 2.95 -21.66 0.64
CA ALA C 158 2.36 -22.99 0.67
C ALA C 158 1.75 -23.35 -0.67
N CYS C 159 1.09 -22.39 -1.33
CA CYS C 159 0.47 -22.70 -2.61
C CYS C 159 1.52 -22.98 -3.65
N LYS C 160 2.61 -22.20 -3.64
CA LYS C 160 3.69 -22.44 -4.60
C LYS C 160 4.25 -23.85 -4.41
N HIS C 161 4.40 -24.24 -3.13
CA HIS C 161 4.92 -25.56 -2.79
C HIS C 161 4.05 -26.68 -3.34
N TYR C 162 2.72 -26.58 -3.10
CA TYR C 162 1.84 -27.63 -3.60
C TYR C 162 1.63 -27.57 -5.10
N LEU C 163 1.66 -26.38 -5.71
CA LEU C 163 1.46 -26.28 -7.15
C LEU C 163 2.62 -26.91 -7.92
N THR C 164 3.85 -26.66 -7.49
CA THR C 164 5.01 -27.21 -8.18
C THR C 164 5.08 -28.72 -7.99
N ASP D 46 -2.54 -25.87 7.47
CA ASP D 46 -1.92 -25.43 8.73
C ASP D 46 -0.69 -24.57 8.46
N PHE D 47 -0.63 -23.41 9.12
CA PHE D 47 0.46 -22.46 8.95
C PHE D 47 1.05 -22.10 10.31
N PRO D 48 1.87 -22.97 10.88
CA PRO D 48 2.44 -22.67 12.20
C PRO D 48 3.20 -21.35 12.17
N GLY D 49 3.06 -20.59 13.26
CA GLY D 49 3.74 -19.32 13.40
C GLY D 49 2.96 -18.14 12.87
N HIS D 50 1.83 -18.39 12.21
CA HIS D 50 1.04 -17.31 11.63
C HIS D 50 0.53 -16.37 12.72
N PHE D 51 -0.01 -16.94 13.81
CA PHE D 51 -0.58 -16.11 14.86
C PHE D 51 0.52 -15.32 15.57
N GLU D 52 1.70 -15.92 15.73
CA GLU D 52 2.78 -15.22 16.40
C GLU D 52 3.23 -14.01 15.60
N GLN D 53 3.31 -14.14 14.27
CA GLN D 53 3.69 -12.99 13.46
C GLN D 53 2.60 -11.93 13.50
N ILE D 54 1.34 -12.36 13.53
CA ILE D 54 0.27 -11.37 13.58
C ILE D 54 0.35 -10.59 14.88
N PHE D 55 0.54 -11.30 15.99
CA PHE D 55 0.63 -10.62 17.28
C PHE D 55 1.88 -9.76 17.37
N GLN D 56 2.98 -10.18 16.73
CA GLN D 56 4.17 -9.34 16.72
C GLN D 56 3.89 -8.02 16.04
N GLN D 57 3.10 -8.05 14.96
CA GLN D 57 2.77 -6.81 14.27
C GLN D 57 1.76 -6.00 15.07
N LEU D 58 0.84 -6.69 15.75
CA LEU D 58 -0.14 -5.97 16.56
C LEU D 58 0.55 -5.28 17.71
N ASN D 59 1.56 -5.93 18.30
CA ASN D 59 2.26 -5.33 19.44
C ASN D 59 3.10 -4.16 18.95
N TYR D 60 3.71 -4.29 17.78
CA TYR D 60 4.49 -3.19 17.23
C TYR D 60 3.61 -1.96 17.05
N GLN D 61 2.46 -2.14 16.41
CA GLN D 61 1.61 -0.99 16.16
C GLN D 61 0.98 -0.50 17.46
N ARG D 62 0.80 -1.38 18.44
CA ARG D 62 0.29 -0.95 19.73
C ARG D 62 1.26 0.01 20.38
N LEU D 63 2.55 -0.35 20.35
CA LEU D 63 3.58 0.47 20.95
C LEU D 63 3.70 1.79 20.22
N HIS D 64 3.52 1.78 18.90
CA HIS D 64 3.59 3.01 18.13
C HIS D 64 2.25 3.73 18.05
N GLY D 65 1.17 3.07 18.47
CA GLY D 65 -0.14 3.70 18.47
C GLY D 65 -0.78 3.79 17.11
N GLN D 66 -0.43 2.88 16.21
CA GLN D 66 -0.95 2.91 14.85
C GLN D 66 -2.20 2.04 14.72
N LEU D 67 -3.19 2.55 13.99
CA LEU D 67 -4.43 1.83 13.72
C LEU D 67 -5.15 1.40 15.01
N CYS D 68 -5.03 2.18 16.09
CA CYS D 68 -5.66 1.81 17.35
C CYS D 68 -6.92 2.64 17.53
N ASP D 69 -7.99 1.99 17.96
CA ASP D 69 -9.28 2.64 18.16
C ASP D 69 -9.66 2.89 19.62
N CYS D 70 -8.77 2.66 20.59
CA CYS D 70 -9.17 3.03 21.94
C CYS D 70 -7.97 3.33 22.82
N VAL D 71 -8.23 4.06 23.90
CA VAL D 71 -7.25 4.35 24.94
C VAL D 71 -7.83 3.95 26.29
N ILE D 72 -7.06 3.20 27.07
CA ILE D 72 -7.43 2.78 28.41
C ILE D 72 -6.65 3.67 29.36
N VAL D 73 -7.32 4.28 30.33
CA VAL D 73 -6.65 5.18 31.26
C VAL D 73 -6.65 4.56 32.64
N VAL D 74 -5.45 4.42 33.22
CA VAL D 74 -5.25 3.83 34.53
C VAL D 74 -4.44 4.84 35.32
N GLY D 75 -5.02 5.35 36.40
CA GLY D 75 -4.30 6.39 37.12
C GLY D 75 -4.18 7.55 36.16
N ASN D 76 -2.95 8.01 35.96
CA ASN D 76 -2.68 9.11 35.04
C ASN D 76 -1.90 8.64 33.82
N ARG D 77 -1.90 7.33 33.55
CA ARG D 77 -1.19 6.77 32.41
C ARG D 77 -2.17 6.23 31.37
N HIS D 78 -1.92 6.59 30.10
CA HIS D 78 -2.77 6.22 28.98
C HIS D 78 -2.12 5.10 28.17
N PHE D 79 -2.87 4.00 27.98
CA PHE D 79 -2.41 2.84 27.24
C PHE D 79 -3.25 2.71 25.97
N LYS D 80 -2.61 2.80 24.80
CA LYS D 80 -3.34 2.68 23.56
C LYS D 80 -3.61 1.20 23.27
N ALA D 81 -4.79 0.92 22.71
CA ALA D 81 -5.15 -0.47 22.45
C ALA D 81 -6.16 -0.56 21.32
N HIS D 82 -6.28 -1.77 20.78
CA HIS D 82 -7.25 -2.12 19.77
C HIS D 82 -8.50 -2.68 20.44
N ARG D 83 -9.66 -2.10 20.14
CA ARG D 83 -10.88 -2.57 20.80
C ARG D 83 -11.16 -4.03 20.47
N SER D 84 -10.82 -4.46 19.26
CA SER D 84 -11.11 -5.83 18.86
C SER D 84 -10.27 -6.82 19.64
N VAL D 85 -9.09 -6.41 20.10
CA VAL D 85 -8.23 -7.34 20.81
C VAL D 85 -8.59 -7.37 22.29
N LEU D 86 -8.83 -6.20 22.89
CA LEU D 86 -9.18 -6.20 24.30
C LEU D 86 -10.49 -6.94 24.47
N ALA D 87 -11.44 -6.69 23.55
CA ALA D 87 -12.73 -7.37 23.62
C ALA D 87 -12.57 -8.87 23.39
N ALA D 88 -11.73 -9.27 22.41
CA ALA D 88 -11.57 -10.69 22.16
C ALA D 88 -11.03 -11.42 23.37
N CYS D 89 -10.14 -10.77 24.12
CA CYS D 89 -9.51 -11.41 25.28
C CYS D 89 -10.37 -11.36 26.54
N SER D 90 -11.48 -10.63 26.54
CA SER D 90 -12.20 -10.40 27.79
C SER D 90 -13.69 -10.19 27.55
N THR D 91 -14.51 -10.94 28.30
CA THR D 91 -15.95 -10.77 28.25
C THR D 91 -16.33 -9.36 28.69
N HIS D 92 -15.66 -8.85 29.72
CA HIS D 92 -15.97 -7.52 30.24
C HIS D 92 -15.79 -6.47 29.15
N PHE D 93 -14.69 -6.53 28.41
CA PHE D 93 -14.52 -5.52 27.36
C PHE D 93 -15.54 -5.73 26.24
N ARG D 94 -15.90 -6.98 25.94
CA ARG D 94 -16.92 -7.19 24.92
C ARG D 94 -18.20 -6.47 25.32
N ALA D 95 -18.57 -6.56 26.60
CA ALA D 95 -19.76 -5.88 27.08
C ALA D 95 -19.57 -4.37 27.01
N LEU D 96 -18.38 -3.88 27.39
CA LEU D 96 -18.14 -2.44 27.42
C LEU D 96 -18.25 -1.82 26.03
N PHE D 97 -17.82 -2.54 25.00
CA PHE D 97 -17.83 -2.03 23.64
C PHE D 97 -19.12 -2.34 22.89
N SER D 98 -20.10 -2.91 23.57
CA SER D 98 -21.39 -3.21 22.94
C SER D 98 -22.34 -2.03 23.04
N ASN D 107 -14.20 4.67 22.66
CA ASN D 107 -13.11 5.59 22.39
C ASN D 107 -12.10 5.59 23.54
N MET D 108 -12.60 5.82 24.74
CA MET D 108 -11.77 5.88 25.94
C MET D 108 -12.45 5.10 27.05
N ILE D 109 -11.67 4.25 27.73
CA ILE D 109 -12.17 3.47 28.86
C ILE D 109 -11.46 3.92 30.13
N GLN D 110 -12.25 4.25 31.15
CA GLN D 110 -11.74 4.65 32.45
C GLN D 110 -11.77 3.46 33.40
N LEU D 111 -10.60 3.04 33.88
CA LEU D 111 -10.51 1.96 34.84
C LEU D 111 -10.32 2.53 36.24
N ASP D 112 -10.75 1.77 37.25
CA ASP D 112 -10.63 2.21 38.63
C ASP D 112 -9.21 1.93 39.14
N SER D 113 -8.44 2.99 39.35
CA SER D 113 -7.04 2.85 39.74
C SER D 113 -6.89 2.19 41.09
N GLU D 114 -7.96 2.12 41.89
CA GLU D 114 -7.89 1.49 43.20
C GLU D 114 -7.70 -0.02 43.11
N VAL D 115 -8.22 -0.66 42.06
CA VAL D 115 -8.12 -2.10 41.89
C VAL D 115 -7.16 -2.45 40.76
N VAL D 116 -7.28 -1.78 39.62
CA VAL D 116 -6.43 -2.05 38.45
C VAL D 116 -5.33 -0.99 38.44
N THR D 117 -4.13 -1.37 38.86
CA THR D 117 -3.04 -0.41 38.92
C THR D 117 -2.40 -0.27 37.53
N ALA D 118 -1.62 0.80 37.36
CA ALA D 118 -0.98 1.00 36.07
C ALA D 118 0.00 -0.12 35.77
N GLU D 119 0.68 -0.63 36.79
CA GLU D 119 1.68 -1.66 36.58
C GLU D 119 1.02 -2.97 36.17
N ALA D 120 -0.07 -3.33 36.86
CA ALA D 120 -0.75 -4.57 36.52
C ALA D 120 -1.36 -4.46 35.14
N PHE D 121 -1.90 -3.29 34.79
CA PHE D 121 -2.50 -3.15 33.48
C PHE D 121 -1.44 -3.30 32.40
N ALA D 122 -0.30 -2.62 32.58
CA ALA D 122 0.73 -2.71 31.57
C ALA D 122 1.18 -4.16 31.39
N ALA D 123 1.32 -4.88 32.50
CA ALA D 123 1.73 -6.27 32.42
C ALA D 123 0.69 -7.12 31.69
N LEU D 124 -0.59 -6.88 31.98
CA LEU D 124 -1.63 -7.70 31.36
C LEU D 124 -1.79 -7.37 29.88
N ILE D 125 -1.62 -6.11 29.49
CA ILE D 125 -1.74 -5.78 28.07
C ILE D 125 -0.55 -6.35 27.32
N ASP D 126 0.63 -6.32 27.95
CA ASP D 126 1.80 -6.91 27.31
C ASP D 126 1.56 -8.41 27.13
N MET D 127 0.94 -9.05 28.13
CA MET D 127 0.62 -10.47 27.96
C MET D 127 -0.34 -10.66 26.80
N MET D 128 -1.39 -9.85 26.75
CA MET D 128 -2.41 -10.02 25.72
C MET D 128 -1.80 -9.93 24.33
N TYR D 129 -0.81 -9.04 24.16
CA TYR D 129 -0.18 -8.88 22.86
C TYR D 129 1.13 -9.67 22.69
N THR D 130 1.54 -10.47 23.67
CA THR D 130 2.77 -11.23 23.55
C THR D 130 2.65 -12.70 23.93
N SER D 131 1.67 -13.09 24.73
CA SER D 131 1.45 -14.44 25.25
C SER D 131 2.31 -14.72 26.47
N THR D 132 3.22 -13.84 26.86
CA THR D 132 4.11 -14.03 27.99
C THR D 132 3.89 -12.93 29.02
N LEU D 133 3.51 -13.30 30.23
CA LEU D 133 3.23 -12.36 31.29
C LEU D 133 4.34 -12.41 32.33
N MET D 134 5.05 -11.28 32.50
CA MET D 134 6.12 -11.15 33.46
C MET D 134 5.79 -9.99 34.39
N LEU D 135 6.15 -10.12 35.66
CA LEU D 135 5.90 -9.03 36.59
C LEU D 135 6.87 -7.88 36.34
N GLY D 136 6.35 -6.66 36.53
CA GLY D 136 7.18 -5.48 36.43
C GLY D 136 7.38 -4.93 37.83
N GLU D 137 6.96 -3.69 38.04
CA GLU D 137 7.02 -3.09 39.37
C GLU D 137 5.95 -3.70 40.28
N SER D 138 4.90 -4.26 39.68
CA SER D 138 3.80 -4.87 40.41
C SER D 138 4.20 -6.20 41.02
N ASN D 139 3.44 -6.62 42.03
CA ASN D 139 3.60 -7.92 42.65
C ASN D 139 2.53 -8.87 42.15
N VAL D 140 2.55 -10.10 42.66
CA VAL D 140 1.61 -11.12 42.19
C VAL D 140 0.17 -10.74 42.53
N MET D 141 -0.07 -10.25 43.74
CA MET D 141 -1.45 -9.93 44.11
C MET D 141 -2.03 -8.84 43.22
N ASP D 142 -1.22 -7.83 42.88
CA ASP D 142 -1.73 -6.75 42.04
C ASP D 142 -2.15 -7.29 40.67
N VAL D 143 -1.36 -8.20 40.12
CA VAL D 143 -1.66 -8.78 38.82
C VAL D 143 -2.90 -9.64 38.92
N LEU D 144 -3.00 -10.44 39.98
CA LEU D 144 -4.19 -11.29 40.13
C LEU D 144 -5.44 -10.43 40.18
N LEU D 145 -5.41 -9.36 40.98
CA LEU D 145 -6.61 -8.55 41.14
C LEU D 145 -6.96 -7.86 39.83
N ALA D 146 -5.96 -7.38 39.08
CA ALA D 146 -6.25 -6.75 37.80
C ALA D 146 -6.81 -7.76 36.82
N ALA D 147 -6.27 -8.99 36.83
CA ALA D 147 -6.75 -10.01 35.92
C ALA D 147 -8.20 -10.35 36.25
N SER D 148 -8.53 -10.36 37.54
CA SER D 148 -9.89 -10.67 37.94
C SER D 148 -10.83 -9.59 37.45
N HIS D 149 -10.44 -8.31 37.62
CA HIS D 149 -11.32 -7.23 37.21
C HIS D 149 -11.63 -7.33 35.72
N LEU D 150 -10.63 -7.68 34.91
CA LEU D 150 -10.79 -7.78 33.47
C LEU D 150 -11.17 -9.18 33.00
N HIS D 151 -11.44 -10.09 33.93
CA HIS D 151 -11.83 -11.47 33.60
C HIS D 151 -10.85 -12.14 32.65
N LEU D 152 -9.56 -11.97 32.91
CA LEU D 152 -8.50 -12.63 32.14
C LEU D 152 -8.23 -13.96 32.85
N ASN D 153 -9.15 -14.90 32.65
CA ASN D 153 -9.17 -16.11 33.47
C ASN D 153 -7.87 -16.89 33.44
N SER D 154 -7.14 -16.88 32.32
CA SER D 154 -5.90 -17.67 32.30
C SER D 154 -4.90 -17.07 33.27
N VAL D 155 -4.93 -15.76 33.47
CA VAL D 155 -4.00 -15.16 34.39
C VAL D 155 -4.44 -15.45 35.81
N VAL D 156 -5.76 -15.34 36.05
CA VAL D 156 -6.27 -15.56 37.39
C VAL D 156 -5.88 -16.96 37.84
N LYS D 157 -6.05 -17.94 36.95
CA LYS D 157 -5.70 -19.32 37.27
C LYS D 157 -4.19 -19.47 37.51
N ALA D 158 -3.37 -18.85 36.66
CA ALA D 158 -1.93 -18.99 36.87
C ALA D 158 -1.52 -18.39 38.19
N CYS D 159 -2.10 -17.23 38.53
CA CYS D 159 -1.74 -16.56 39.76
C CYS D 159 -2.16 -17.40 40.95
N LYS D 160 -3.39 -17.94 40.91
CA LYS D 160 -3.83 -18.75 42.05
C LYS D 160 -2.94 -19.96 42.20
N HIS D 161 -2.53 -20.55 41.08
CA HIS D 161 -1.65 -21.71 41.11
C HIS D 161 -0.35 -21.38 41.83
N TYR D 162 0.28 -20.26 41.45
CA TYR D 162 1.57 -19.93 42.07
C TYR D 162 1.40 -19.46 43.51
N LEU D 163 0.30 -18.77 43.83
CA LEU D 163 0.07 -18.34 45.20
C LEU D 163 -0.18 -19.52 46.12
N THR D 164 -0.87 -20.54 45.64
CA THR D 164 -1.18 -21.72 46.43
C THR D 164 0.09 -22.52 46.72
#